data_6DN7
#
_entry.id   6DN7
#
_cell.length_a   54.690
_cell.length_b   65.440
_cell.length_c   69.180
_cell.angle_alpha   90.00
_cell.angle_beta   103.60
_cell.angle_gamma   90.00
#
_symmetry.space_group_name_H-M   'P 1 21 1'
#
loop_
_entity.id
_entity.type
_entity.pdbx_description
1 polymer 'SPRY domain-containing SOCS box protein 4'
2 polymer 'WDINNN(BAL) Cyclic peptide inhibitor'
3 non-polymer 'CHLORIDE ION'
4 water water
#
loop_
_entity_poly.entity_id
_entity_poly.type
_entity_poly.pdbx_seq_one_letter_code
_entity_poly.pdbx_strand_id
1 'polypeptide(L)'
;MHHHHHHSSGVDLGTENLYFQSMGAEPGRPARLDQLLDMPAAGLAVQLRHAWNPEDRSLNVFVKDDDRLTFHRHPVAQST
DGIRGKVGHARGLHAWQINWPARQRGTHAVVGVATARAPLHSVGYTALVGSDAESWGWDLGRSRLYHDGKNQPGVAYPAF
LGPDEAFALPDSLLVVLDMDEGTLSFIVDGQYLGVAFRGLKGKKLYPVVSAVWGHCEVTMRYINGLDPE
;
A,C
2 'polypeptide(L)' WDINNN(BAL) B,D
#
loop_
_chem_comp.id
_chem_comp.type
_chem_comp.name
_chem_comp.formula
BAL peptide-like BETA-ALANINE 'C3 H7 N O2'
CL non-polymer 'CHLORIDE ION' 'Cl -1'
#
# COMPACT_ATOMS: atom_id res chain seq x y z
N ARG A 29 6.00 9.32 14.54
CA ARG A 29 4.84 8.80 15.26
C ARG A 29 3.67 9.82 15.21
N PRO A 30 2.46 9.43 14.75
CA PRO A 30 1.35 10.40 14.68
C PRO A 30 0.93 10.94 16.05
N ALA A 31 0.55 12.23 16.07
CA ALA A 31 0.12 12.91 17.29
C ALA A 31 -1.04 12.18 17.96
N ARG A 32 -2.01 11.70 17.16
CA ARG A 32 -3.18 10.97 17.65
C ARG A 32 -2.83 9.61 18.27
N LEU A 33 -1.77 8.95 17.76
CA LEU A 33 -1.32 7.68 18.35
C LEU A 33 -0.78 7.93 19.75
N ASP A 34 -0.02 9.04 19.94
CA ASP A 34 0.51 9.41 21.25
C ASP A 34 -0.65 9.66 22.24
N GLN A 35 -1.70 10.34 21.79
CA GLN A 35 -2.90 10.67 22.54
C GLN A 35 -3.61 9.38 23.01
N LEU A 36 -3.83 8.45 22.06
CA LEU A 36 -4.47 7.17 22.39
C LEU A 36 -3.65 6.41 23.45
N LEU A 37 -2.34 6.26 23.24
CA LEU A 37 -1.48 5.49 24.15
C LEU A 37 -1.25 6.14 25.51
N ASP A 38 -1.41 7.48 25.63
CA ASP A 38 -1.25 8.13 26.95
C ASP A 38 -2.48 7.93 27.85
N MET A 39 -3.62 7.55 27.25
CA MET A 39 -4.85 7.33 28.02
C MET A 39 -4.68 6.12 28.92
N PRO A 40 -5.31 6.09 30.12
CA PRO A 40 -5.28 4.85 30.92
C PRO A 40 -5.88 3.73 30.06
N ALA A 41 -5.26 2.53 30.06
CA ALA A 41 -5.75 1.43 29.23
C ALA A 41 -7.20 1.08 29.58
N ALA A 42 -7.99 0.70 28.59
CA ALA A 42 -9.38 0.29 28.82
C ALA A 42 -9.48 -0.89 29.81
N GLY A 43 -10.58 -0.91 30.58
CA GLY A 43 -10.82 -1.96 31.57
C GLY A 43 -11.32 -3.28 31.00
N LEU A 44 -11.48 -4.28 31.86
CA LEU A 44 -11.91 -5.61 31.43
C LEU A 44 -13.21 -5.68 30.64
N ALA A 45 -14.26 -4.95 31.06
CA ALA A 45 -15.50 -5.01 30.31
C ALA A 45 -15.30 -4.56 28.85
N VAL A 46 -14.54 -3.49 28.65
CA VAL A 46 -14.25 -3.01 27.29
C VAL A 46 -13.40 -4.07 26.55
N GLN A 47 -12.40 -4.62 27.22
CA GLN A 47 -11.56 -5.65 26.60
C GLN A 47 -12.42 -6.84 26.15
N LEU A 48 -13.40 -7.24 26.98
CA LEU A 48 -14.27 -8.36 26.61
C LEU A 48 -15.13 -8.04 25.41
N ARG A 49 -15.63 -6.80 25.33
CA ARG A 49 -16.46 -6.39 24.19
C ARG A 49 -15.67 -6.48 22.89
N HIS A 50 -14.35 -6.23 22.96
CA HIS A 50 -13.46 -6.23 21.79
C HIS A 50 -12.66 -7.52 21.61
N ALA A 51 -12.96 -8.54 22.42
CA ALA A 51 -12.19 -9.79 22.38
C ALA A 51 -12.56 -10.66 21.18
N TRP A 52 -11.84 -11.81 21.06
CA TRP A 52 -12.15 -12.82 20.06
C TRP A 52 -13.60 -13.18 20.11
N ASN A 53 -14.19 -13.38 18.96
CA ASN A 53 -15.62 -13.68 18.85
C ASN A 53 -15.81 -15.18 18.77
N PRO A 54 -16.39 -15.80 19.84
CA PRO A 54 -16.67 -17.25 19.76
C PRO A 54 -17.63 -17.62 18.62
N GLU A 55 -18.37 -16.65 18.05
CA GLU A 55 -19.32 -16.92 16.97
C GLU A 55 -18.72 -16.69 15.59
N ASP A 56 -17.45 -16.28 15.50
CA ASP A 56 -16.87 -15.94 14.20
C ASP A 56 -15.46 -16.49 14.11
N ARG A 57 -15.35 -17.77 13.87
CA ARG A 57 -14.12 -18.50 13.98
C ARG A 57 -14.11 -19.76 13.17
N SER A 58 -12.93 -20.25 12.88
CA SER A 58 -12.79 -21.61 12.38
C SER A 58 -13.30 -22.55 13.53
N LEU A 59 -13.88 -23.68 13.18
CA LEU A 59 -14.31 -24.65 14.19
C LEU A 59 -13.12 -25.27 14.92
N ASN A 60 -11.90 -25.08 14.39
CA ASN A 60 -10.70 -25.65 15.00
C ASN A 60 -10.08 -24.76 16.06
N VAL A 61 -10.72 -23.64 16.38
CA VAL A 61 -10.25 -22.83 17.50
C VAL A 61 -11.42 -22.62 18.44
N PHE A 62 -11.16 -22.38 19.70
CA PHE A 62 -12.24 -22.05 20.64
C PHE A 62 -11.72 -20.97 21.55
N VAL A 63 -12.63 -20.13 22.04
CA VAL A 63 -12.31 -19.10 23.00
C VAL A 63 -12.32 -19.74 24.37
N LYS A 64 -11.25 -19.55 25.15
CA LYS A 64 -11.13 -20.17 26.49
C LYS A 64 -12.19 -19.58 27.44
N ASP A 65 -12.92 -20.41 28.15
CA ASP A 65 -13.93 -19.86 29.07
C ASP A 65 -13.30 -19.20 30.30
N ASP A 66 -12.14 -19.68 30.75
CA ASP A 66 -11.46 -19.12 31.92
C ASP A 66 -10.63 -17.88 31.60
N ASP A 67 -10.40 -17.57 30.31
CA ASP A 67 -9.73 -16.36 29.87
C ASP A 67 -10.29 -16.09 28.49
N ARG A 68 -11.35 -15.33 28.46
CA ARG A 68 -12.09 -15.04 27.23
C ARG A 68 -11.34 -14.10 26.30
N LEU A 69 -10.16 -13.62 26.71
CA LEU A 69 -9.35 -12.81 25.80
C LEU A 69 -8.44 -13.70 24.95
N THR A 70 -8.46 -15.01 25.21
CA THR A 70 -7.52 -15.93 24.57
C THR A 70 -8.24 -17.02 23.85
N PHE A 71 -7.76 -17.37 22.66
CA PHE A 71 -8.29 -18.58 22.02
C PHE A 71 -7.23 -19.70 22.04
N HIS A 72 -7.68 -20.95 21.86
CA HIS A 72 -6.83 -22.12 21.80
C HIS A 72 -7.09 -22.83 20.47
N ARG A 73 -6.04 -23.23 19.73
CA ARG A 73 -6.25 -23.96 18.49
C ARG A 73 -6.11 -25.45 18.72
N HIS A 74 -7.11 -26.23 18.31
CA HIS A 74 -7.01 -27.70 18.39
C HIS A 74 -5.86 -28.18 17.50
N PRO A 75 -5.25 -29.31 17.86
CA PRO A 75 -4.07 -29.81 17.10
C PRO A 75 -4.40 -30.54 15.79
N VAL A 76 -5.07 -29.85 14.88
CA VAL A 76 -5.56 -30.40 13.60
C VAL A 76 -4.43 -30.35 12.55
N ALA A 77 -4.13 -31.49 11.96
CA ALA A 77 -3.07 -31.51 10.93
C ALA A 77 -3.52 -30.89 9.63
N GLN A 78 -2.57 -30.25 8.92
CA GLN A 78 -2.79 -29.72 7.61
C GLN A 78 -4.01 -28.79 7.58
N SER A 79 -3.99 -27.80 8.47
CA SER A 79 -5.08 -26.86 8.62
C SER A 79 -4.54 -25.52 9.07
N THR A 80 -5.11 -24.41 8.56
CA THR A 80 -4.79 -23.06 9.02
C THR A 80 -6.11 -22.47 9.48
N ASP A 81 -6.11 -21.85 10.65
CA ASP A 81 -7.35 -21.47 11.30
C ASP A 81 -7.28 -20.09 11.87
N GLY A 82 -8.33 -19.35 11.63
CA GLY A 82 -8.43 -17.99 12.13
C GLY A 82 -9.66 -17.70 12.94
N ILE A 83 -9.74 -16.49 13.41
CA ILE A 83 -10.84 -16.02 14.23
C ILE A 83 -10.79 -14.47 14.18
N ARG A 84 -11.97 -13.85 14.21
CA ARG A 84 -12.06 -12.41 14.23
C ARG A 84 -12.47 -11.90 15.60
N GLY A 85 -12.08 -10.66 15.88
CA GLY A 85 -12.56 -9.95 17.07
C GLY A 85 -14.07 -9.70 16.92
N LYS A 86 -14.75 -9.42 18.03
CA LYS A 86 -16.19 -9.12 18.00
C LYS A 86 -16.52 -7.76 17.32
N VAL A 87 -15.59 -6.80 17.30
CA VAL A 87 -15.90 -5.46 16.79
C VAL A 87 -15.22 -5.21 15.45
N GLY A 88 -16.02 -4.77 14.49
CA GLY A 88 -15.55 -4.38 13.18
C GLY A 88 -15.53 -2.87 13.18
N HIS A 89 -14.35 -2.29 13.00
CA HIS A 89 -14.17 -0.86 13.05
C HIS A 89 -14.39 -0.21 11.72
N ALA A 90 -15.16 0.88 11.69
CA ALA A 90 -15.43 1.60 10.44
C ALA A 90 -14.91 3.03 10.51
N ARG A 91 -14.61 3.52 11.71
CA ARG A 91 -14.06 4.88 11.93
C ARG A 91 -13.19 4.86 13.19
N GLY A 92 -12.44 5.93 13.39
CA GLY A 92 -11.59 6.12 14.56
C GLY A 92 -10.29 5.35 14.51
N LEU A 93 -9.46 5.64 15.52
CA LEU A 93 -8.15 5.08 15.71
C LEU A 93 -8.23 4.09 16.86
N HIS A 94 -7.67 2.89 16.66
CA HIS A 94 -7.79 1.79 17.61
C HIS A 94 -6.47 1.10 17.79
N ALA A 95 -6.23 0.59 19.01
CA ALA A 95 -5.00 -0.18 19.25
C ALA A 95 -5.37 -1.36 20.13
N TRP A 96 -4.79 -2.54 19.82
CA TRP A 96 -4.96 -3.73 20.66
C TRP A 96 -3.63 -4.45 20.76
N GLN A 97 -3.42 -5.12 21.89
N GLN A 97 -3.41 -5.13 21.90
CA GLN A 97 -2.25 -5.92 22.06
CA GLN A 97 -2.20 -5.89 22.17
C GLN A 97 -2.54 -7.34 21.67
C GLN A 97 -2.38 -7.39 21.93
N ILE A 98 -1.59 -7.96 20.97
CA ILE A 98 -1.61 -9.38 20.70
C ILE A 98 -0.47 -9.99 21.50
N ASN A 99 -0.73 -11.07 22.25
CA ASN A 99 0.33 -11.82 22.93
C ASN A 99 0.27 -13.21 22.30
N TRP A 100 1.36 -13.58 21.61
CA TRP A 100 1.42 -14.85 20.90
C TRP A 100 2.76 -15.47 21.25
N PRO A 101 2.80 -16.37 22.24
CA PRO A 101 4.10 -16.95 22.67
C PRO A 101 4.90 -17.45 21.47
N ALA A 102 6.15 -17.01 21.36
CA ALA A 102 6.96 -17.25 20.17
C ALA A 102 7.14 -18.72 19.78
N ARG A 103 7.14 -19.62 20.77
CA ARG A 103 7.32 -21.05 20.53
C ARG A 103 6.01 -21.76 20.15
N GLN A 104 4.93 -20.96 20.01
CA GLN A 104 3.61 -21.47 19.63
C GLN A 104 3.17 -20.88 18.29
N ARG A 105 4.14 -20.55 17.44
CA ARG A 105 3.83 -19.94 16.15
C ARG A 105 3.92 -20.91 14.98
N GLY A 106 4.86 -21.83 15.01
CA GLY A 106 4.98 -22.75 13.87
C GLY A 106 5.41 -22.07 12.58
N THR A 107 4.96 -22.64 11.46
CA THR A 107 5.34 -22.13 10.15
C THR A 107 4.62 -20.85 9.74
N HIS A 108 3.40 -20.62 10.27
CA HIS A 108 2.61 -19.48 9.77
C HIS A 108 1.77 -18.86 10.88
N ALA A 109 2.27 -17.77 11.44
CA ALA A 109 1.57 -16.98 12.45
C ALA A 109 1.37 -15.62 11.86
N VAL A 110 0.11 -15.28 11.52
CA VAL A 110 -0.15 -14.01 10.85
C VAL A 110 -1.14 -13.15 11.65
N VAL A 111 -0.81 -11.85 11.79
CA VAL A 111 -1.62 -10.93 12.58
C VAL A 111 -2.06 -9.77 11.72
N GLY A 112 -3.33 -9.37 11.82
CA GLY A 112 -3.72 -8.17 11.09
C GLY A 112 -5.18 -7.86 11.26
N VAL A 113 -5.82 -7.46 10.15
CA VAL A 113 -7.24 -7.15 10.13
C VAL A 113 -7.89 -7.80 8.93
N ALA A 114 -9.21 -7.97 8.97
CA ALA A 114 -9.96 -8.57 7.89
C ALA A 114 -11.34 -7.97 7.82
N THR A 115 -11.91 -8.03 6.62
CA THR A 115 -13.32 -7.74 6.47
C THR A 115 -14.08 -8.98 7.00
N ALA A 116 -15.40 -8.87 7.08
CA ALA A 116 -16.26 -9.99 7.48
C ALA A 116 -16.26 -11.11 6.43
N ARG A 117 -15.78 -10.85 5.20
CA ARG A 117 -15.78 -11.83 4.12
C ARG A 117 -14.53 -12.69 4.05
N ALA A 118 -13.49 -12.32 4.78
CA ALA A 118 -12.24 -13.10 4.77
C ALA A 118 -12.46 -14.55 5.26
N PRO A 119 -11.94 -15.55 4.55
CA PRO A 119 -12.07 -16.93 5.04
C PRO A 119 -11.27 -17.14 6.32
N LEU A 120 -11.80 -17.97 7.20
CA LEU A 120 -11.12 -18.23 8.48
C LEU A 120 -10.51 -19.62 8.54
N HIS A 121 -10.44 -20.31 7.43
CA HIS A 121 -9.80 -21.61 7.41
C HIS A 121 -9.25 -21.86 6.06
N SER A 122 -8.13 -22.62 6.01
CA SER A 122 -7.68 -23.19 4.77
C SER A 122 -7.20 -24.59 5.02
N VAL A 123 -7.26 -25.45 3.99
N VAL A 123 -7.16 -25.40 3.93
CA VAL A 123 -6.60 -26.73 4.05
CA VAL A 123 -6.55 -26.73 3.89
C VAL A 123 -5.06 -26.36 4.00
C VAL A 123 -5.04 -26.43 3.84
N GLY A 124 -4.23 -27.24 4.56
CA GLY A 124 -2.79 -27.04 4.57
C GLY A 124 -2.36 -25.92 5.48
N TYR A 125 -1.05 -25.66 5.48
CA TYR A 125 -0.43 -24.64 6.28
C TYR A 125 -0.10 -23.45 5.41
N THR A 126 -0.81 -22.33 5.66
CA THR A 126 -0.73 -21.14 4.79
C THR A 126 -0.72 -19.87 5.62
N ALA A 127 -0.33 -18.75 4.99
CA ALA A 127 -0.47 -17.44 5.61
C ALA A 127 -1.87 -17.00 5.15
N LEU A 128 -2.89 -17.49 5.85
CA LEU A 128 -4.26 -17.26 5.43
C LEU A 128 -4.65 -15.78 5.49
N VAL A 129 -4.28 -15.09 6.58
CA VAL A 129 -4.56 -13.65 6.64
C VAL A 129 -3.59 -12.95 5.66
N GLY A 130 -4.16 -12.14 4.75
CA GLY A 130 -3.39 -11.42 3.73
C GLY A 130 -3.30 -12.16 2.42
N SER A 131 -3.91 -13.37 2.32
CA SER A 131 -3.80 -14.21 1.12
C SER A 131 -4.73 -13.78 0.02
N ASP A 132 -5.70 -12.93 0.30
CA ASP A 132 -6.62 -12.41 -0.73
C ASP A 132 -6.96 -10.94 -0.43
N ALA A 133 -7.91 -10.34 -1.17
CA ALA A 133 -8.23 -8.93 -0.98
C ALA A 133 -9.01 -8.62 0.26
N GLU A 134 -9.39 -9.64 1.07
CA GLU A 134 -10.24 -9.43 2.23
C GLU A 134 -9.49 -9.29 3.53
N SER A 135 -8.16 -9.38 3.51
CA SER A 135 -7.42 -9.26 4.75
C SER A 135 -6.03 -8.73 4.51
N TRP A 136 -5.43 -8.25 5.59
CA TRP A 136 -4.14 -7.59 5.62
C TRP A 136 -3.39 -8.16 6.80
N GLY A 137 -2.23 -8.75 6.54
CA GLY A 137 -1.51 -9.40 7.63
C GLY A 137 -0.02 -9.30 7.62
N TRP A 138 0.54 -9.42 8.81
CA TRP A 138 1.96 -9.47 9.04
C TRP A 138 2.28 -10.91 9.43
N ASP A 139 3.04 -11.59 8.54
CA ASP A 139 3.52 -12.94 8.79
C ASP A 139 4.71 -12.77 9.73
N LEU A 140 4.52 -13.12 10.99
CA LEU A 140 5.54 -12.87 12.00
C LEU A 140 6.83 -13.62 11.78
N GLY A 141 6.73 -14.85 11.32
CA GLY A 141 7.91 -15.69 11.10
C GLY A 141 8.76 -15.20 9.94
N ARG A 142 8.12 -14.68 8.88
CA ARG A 142 8.87 -14.19 7.74
C ARG A 142 9.19 -12.70 7.85
N SER A 143 8.52 -11.99 8.78
CA SER A 143 8.62 -10.51 8.90
C SER A 143 8.20 -9.90 7.56
N ARG A 144 7.09 -10.40 6.99
CA ARG A 144 6.60 -9.93 5.71
C ARG A 144 5.14 -9.55 5.78
N LEU A 145 4.79 -8.46 5.11
CA LEU A 145 3.41 -8.00 5.05
C LEU A 145 2.75 -8.54 3.81
N TYR A 146 1.53 -9.04 3.96
CA TYR A 146 0.76 -9.57 2.84
C TYR A 146 -0.62 -8.98 2.75
N HIS A 147 -1.04 -8.64 1.53
CA HIS A 147 -2.39 -8.21 1.21
C HIS A 147 -2.60 -8.64 -0.21
N ASP A 148 -3.69 -9.37 -0.52
CA ASP A 148 -3.85 -9.97 -1.86
C ASP A 148 -2.55 -10.74 -2.23
N GLY A 149 -2.05 -11.53 -1.26
CA GLY A 149 -0.77 -12.21 -1.33
C GLY A 149 -0.58 -13.25 -2.40
N LYS A 150 -1.67 -13.71 -3.00
CA LYS A 150 -1.63 -14.63 -4.14
C LYS A 150 -1.06 -13.86 -5.36
N ASN A 151 -1.40 -12.54 -5.45
CA ASN A 151 -1.03 -11.66 -6.56
C ASN A 151 0.13 -10.71 -6.28
N GLN A 152 0.27 -10.29 -5.01
CA GLN A 152 1.29 -9.33 -4.64
C GLN A 152 2.30 -9.92 -3.69
N PRO A 153 3.61 -9.71 -3.95
CA PRO A 153 4.64 -10.25 -3.04
C PRO A 153 4.61 -9.62 -1.66
N GLY A 154 5.28 -10.27 -0.73
CA GLY A 154 5.42 -9.78 0.64
C GLY A 154 6.37 -8.63 0.73
N VAL A 155 6.16 -7.78 1.74
CA VAL A 155 6.96 -6.60 1.96
C VAL A 155 7.72 -6.78 3.29
N ALA A 156 9.01 -6.56 3.30
CA ALA A 156 9.83 -6.67 4.52
C ALA A 156 9.35 -5.61 5.51
N TYR A 157 9.11 -6.03 6.76
CA TYR A 157 8.63 -5.11 7.79
C TYR A 157 9.03 -5.78 9.11
N PRO A 158 9.84 -5.12 9.98
CA PRO A 158 10.34 -3.74 9.91
C PRO A 158 11.23 -3.46 8.70
N ALA A 159 11.23 -2.19 8.30
CA ALA A 159 11.96 -1.60 7.17
C ALA A 159 13.44 -1.94 7.09
N PHE A 160 14.13 -2.10 8.23
CA PHE A 160 15.58 -2.36 8.22
C PHE A 160 15.95 -3.68 7.52
N LEU A 161 15.01 -4.63 7.47
CA LEU A 161 15.24 -5.96 6.91
C LEU A 161 15.58 -6.02 5.42
N GLY A 162 16.57 -6.85 5.09
CA GLY A 162 17.00 -7.13 3.71
C GLY A 162 16.02 -8.06 3.01
N PRO A 163 16.22 -8.38 1.70
CA PRO A 163 15.24 -9.21 0.98
C PRO A 163 15.06 -10.65 1.44
N ASP A 164 16.11 -11.30 1.94
CA ASP A 164 15.97 -12.68 2.43
C ASP A 164 16.07 -12.69 3.96
N GLU A 165 15.82 -11.54 4.60
CA GLU A 165 15.98 -11.37 6.04
C GLU A 165 14.67 -11.33 6.81
N ALA A 166 14.66 -11.96 7.98
CA ALA A 166 13.51 -11.96 8.86
C ALA A 166 14.04 -11.62 10.26
N PHE A 167 13.15 -11.19 11.13
CA PHE A 167 13.51 -10.86 12.52
C PHE A 167 12.62 -11.69 13.44
N ALA A 168 13.19 -12.24 14.49
CA ALA A 168 12.50 -13.04 15.49
C ALA A 168 11.81 -12.08 16.48
N LEU A 169 10.53 -11.88 16.29
N LEU A 169 10.51 -11.90 16.28
CA LEU A 169 9.72 -10.97 17.07
CA LEU A 169 9.63 -11.02 17.04
C LEU A 169 9.41 -11.50 18.47
C LEU A 169 9.41 -11.52 18.47
N PRO A 170 9.32 -10.61 19.47
CA PRO A 170 9.00 -11.04 20.83
C PRO A 170 7.53 -11.47 20.90
N ASP A 171 7.09 -11.92 22.07
CA ASP A 171 5.72 -12.46 22.23
C ASP A 171 4.62 -11.48 21.99
N SER A 172 4.85 -10.22 22.34
CA SER A 172 3.81 -9.22 22.29
C SER A 172 4.03 -8.18 21.21
N LEU A 173 2.92 -7.69 20.65
CA LEU A 173 2.96 -6.61 19.67
C LEU A 173 1.67 -5.81 19.78
N LEU A 174 1.70 -4.53 19.41
CA LEU A 174 0.50 -3.70 19.39
C LEU A 174 0.09 -3.52 17.93
N VAL A 175 -1.19 -3.65 17.67
CA VAL A 175 -1.78 -3.48 16.33
C VAL A 175 -2.54 -2.16 16.39
N VAL A 176 -2.26 -1.23 15.44
CA VAL A 176 -2.87 0.10 15.40
C VAL A 176 -3.61 0.26 14.08
N LEU A 177 -4.94 0.39 14.18
CA LEU A 177 -5.82 0.53 13.04
C LEU A 177 -6.40 1.93 13.01
N ASP A 178 -6.09 2.69 11.96
CA ASP A 178 -6.61 4.05 11.80
C ASP A 178 -7.63 4.00 10.70
N MET A 179 -8.90 3.94 11.07
CA MET A 179 -9.93 3.83 10.04
C MET A 179 -10.24 5.14 9.34
N ASP A 180 -9.76 6.25 9.88
CA ASP A 180 -10.04 7.56 9.28
C ASP A 180 -9.02 7.86 8.19
N GLU A 181 -7.74 7.52 8.45
CA GLU A 181 -6.69 7.67 7.44
C GLU A 181 -6.67 6.41 6.54
N GLY A 182 -7.20 5.30 7.07
CA GLY A 182 -7.21 4.01 6.40
C GLY A 182 -5.88 3.31 6.43
N THR A 183 -5.23 3.24 7.62
CA THR A 183 -3.93 2.59 7.73
C THR A 183 -3.88 1.54 8.84
N LEU A 184 -2.94 0.61 8.69
CA LEU A 184 -2.64 -0.36 9.71
C LEU A 184 -1.15 -0.23 9.97
N SER A 185 -0.77 -0.19 11.26
N SER A 185 -0.76 -0.12 11.26
CA SER A 185 0.61 -0.05 11.71
CA SER A 185 0.64 -0.01 11.69
C SER A 185 0.81 -0.95 12.92
C SER A 185 0.82 -0.80 12.98
N PHE A 186 2.08 -1.15 13.31
CA PHE A 186 2.41 -1.98 14.48
C PHE A 186 3.44 -1.33 15.35
N ILE A 187 3.44 -1.71 16.63
CA ILE A 187 4.44 -1.24 17.61
C ILE A 187 4.98 -2.51 18.27
N VAL A 188 6.31 -2.64 18.28
CA VAL A 188 6.99 -3.79 18.88
C VAL A 188 8.12 -3.22 19.72
N ASP A 189 8.24 -3.74 20.97
CA ASP A 189 9.29 -3.27 21.90
C ASP A 189 9.12 -1.76 22.15
N GLY A 190 7.89 -1.27 22.10
CA GLY A 190 7.62 0.16 22.28
C GLY A 190 8.09 1.01 21.12
N GLN A 191 8.48 0.36 20.00
CA GLN A 191 8.94 1.06 18.79
C GLN A 191 7.84 1.05 17.72
N TYR A 192 7.45 2.24 17.29
CA TYR A 192 6.48 2.37 16.22
C TYR A 192 7.21 2.01 14.92
N LEU A 193 6.66 1.02 14.19
CA LEU A 193 7.30 0.49 12.99
C LEU A 193 6.80 1.12 11.68
N GLY A 194 5.95 2.14 11.78
CA GLY A 194 5.43 2.85 10.61
C GLY A 194 4.23 2.17 9.99
N VAL A 195 3.63 2.85 9.01
CA VAL A 195 2.46 2.33 8.31
C VAL A 195 2.84 1.06 7.54
N ALA A 196 2.07 -0.01 7.77
CA ALA A 196 2.26 -1.29 7.11
C ALA A 196 1.36 -1.36 5.89
N PHE A 197 0.10 -0.89 6.04
CA PHE A 197 -0.82 -0.87 4.92
C PHE A 197 -1.63 0.38 4.91
N ARG A 198 -2.01 0.82 3.69
N ARG A 198 -2.06 0.78 3.71
CA ARG A 198 -2.93 1.95 3.46
CA ARG A 198 -3.01 1.86 3.54
C ARG A 198 -4.13 1.39 2.69
C ARG A 198 -4.07 1.44 2.54
N GLY A 199 -5.09 2.26 2.37
CA GLY A 199 -6.24 1.92 1.53
C GLY A 199 -7.38 1.30 2.29
N LEU A 200 -7.41 1.46 3.63
CA LEU A 200 -8.46 0.83 4.42
C LEU A 200 -9.70 1.69 4.69
N LYS A 201 -9.68 2.98 4.34
CA LYS A 201 -10.84 3.82 4.63
CA LYS A 201 -10.84 3.83 4.61
C LYS A 201 -12.11 3.32 3.92
N GLY A 202 -13.26 3.44 4.61
CA GLY A 202 -14.55 3.06 4.04
C GLY A 202 -14.93 1.61 4.25
N LYS A 203 -14.06 0.83 4.91
CA LYS A 203 -14.32 -0.59 5.16
C LYS A 203 -14.77 -0.79 6.61
N LYS A 204 -15.09 -2.04 6.97
CA LYS A 204 -15.47 -2.37 8.34
C LYS A 204 -14.52 -3.53 8.66
N LEU A 205 -13.50 -3.23 9.47
CA LEU A 205 -12.37 -4.14 9.68
C LEU A 205 -12.25 -4.66 11.09
N TYR A 206 -12.08 -5.98 11.17
CA TYR A 206 -12.03 -6.70 12.44
C TYR A 206 -10.62 -7.15 12.72
N PRO A 207 -10.17 -7.13 13.99
CA PRO A 207 -8.92 -7.81 14.32
C PRO A 207 -8.98 -9.26 13.89
N VAL A 208 -7.85 -9.81 13.38
CA VAL A 208 -7.83 -11.20 12.96
C VAL A 208 -6.43 -11.74 13.13
N VAL A 209 -6.35 -13.06 13.24
CA VAL A 209 -5.10 -13.78 13.13
C VAL A 209 -5.40 -15.08 12.42
N SER A 210 -4.33 -15.71 11.90
CA SER A 210 -4.41 -17.07 11.39
C SER A 210 -3.24 -17.85 11.97
N ALA A 211 -3.54 -19.07 12.40
CA ALA A 211 -2.60 -19.90 13.12
C ALA A 211 -2.58 -21.33 12.58
N VAL A 212 -1.46 -22.03 12.82
CA VAL A 212 -1.23 -23.42 12.39
C VAL A 212 -0.71 -24.32 13.53
N TRP A 213 -0.35 -23.72 14.69
CA TRP A 213 0.33 -24.48 15.72
C TRP A 213 -0.67 -25.21 16.62
N GLY A 214 -0.49 -26.51 16.77
CA GLY A 214 -1.35 -27.29 17.67
C GLY A 214 -1.26 -26.77 19.09
N HIS A 215 -2.44 -26.47 19.69
CA HIS A 215 -2.54 -25.99 21.06
C HIS A 215 -2.01 -24.57 21.27
N CYS A 216 -1.71 -23.80 20.22
CA CYS A 216 -1.34 -22.42 20.48
C CYS A 216 -2.46 -21.65 21.17
N GLU A 217 -2.08 -20.67 21.96
CA GLU A 217 -3.02 -19.81 22.66
C GLU A 217 -2.61 -18.37 22.42
N VAL A 218 -3.50 -17.58 21.81
CA VAL A 218 -3.19 -16.19 21.41
C VAL A 218 -4.18 -15.27 22.11
N THR A 219 -3.64 -14.25 22.77
CA THR A 219 -4.47 -13.36 23.57
C THR A 219 -4.57 -12.01 22.84
N MET A 220 -5.75 -11.39 22.88
CA MET A 220 -5.93 -10.05 22.33
C MET A 220 -6.57 -9.15 23.38
N ARG A 221 -5.87 -8.06 23.76
CA ARG A 221 -6.30 -7.12 24.78
C ARG A 221 -6.44 -5.72 24.13
N TYR A 222 -7.67 -5.32 23.86
CA TYR A 222 -7.95 -4.00 23.29
C TYR A 222 -7.43 -2.97 24.28
N ILE A 223 -6.74 -1.95 23.79
N ILE A 223 -6.68 -1.99 23.78
CA ILE A 223 -6.14 -0.91 24.61
CA ILE A 223 -6.10 -0.93 24.60
C ILE A 223 -7.06 0.29 24.70
C ILE A 223 -7.04 0.25 24.70
N ASN A 224 -7.40 0.88 23.56
CA ASN A 224 -8.29 2.05 23.52
C ASN A 224 -8.66 2.37 22.08
N GLY A 225 -9.62 3.25 21.94
CA GLY A 225 -10.07 3.82 20.69
C GLY A 225 -10.18 5.32 20.83
N LEU A 226 -10.12 6.05 19.71
CA LEU A 226 -10.17 7.50 19.69
C LEU A 226 -10.93 7.95 18.45
N ASP A 227 -12.05 8.65 18.65
CA ASP A 227 -12.87 9.18 17.55
C ASP A 227 -12.07 10.14 16.69
N PRO A 228 -12.40 10.31 15.37
CA PRO A 228 -11.68 11.35 14.59
C PRO A 228 -12.03 12.72 15.16
N GLU A 229 -11.17 13.74 14.94
CA GLU A 229 -11.47 15.11 15.42
C GLU A 229 -12.41 15.84 14.44
N TRP B 1 2.42 -35.21 15.69
CA TRP B 1 3.78 -34.73 15.92
C TRP B 1 4.42 -34.20 14.63
N ASP B 2 3.61 -33.54 13.78
CA ASP B 2 4.19 -32.91 12.58
C ASP B 2 4.93 -31.61 12.98
N ILE B 3 5.50 -30.93 11.98
N ILE B 3 5.51 -30.93 11.99
CA ILE B 3 6.27 -29.72 12.23
CA ILE B 3 6.30 -29.70 12.21
C ILE B 3 5.53 -28.66 13.02
C ILE B 3 5.53 -28.61 12.97
N ASN B 4 4.20 -28.65 12.91
CA ASN B 4 3.39 -27.63 13.55
C ASN B 4 2.68 -28.14 14.78
N ASN B 5 3.23 -29.20 15.41
CA ASN B 5 2.67 -29.74 16.64
C ASN B 5 1.27 -30.29 16.46
N ASN B 6 0.95 -30.81 15.27
CA ASN B 6 -0.35 -31.40 14.97
C ASN B 6 -0.13 -32.85 14.64
N BAL B 7 -0.91 -33.75 15.28
CB BAL B 7 -0.65 -35.24 15.13
CA BAL B 7 0.11 -35.80 16.35
C BAL B 7 1.41 -35.07 16.61
O BAL B 7 1.60 -34.44 17.66
N ARG C 32 19.63 -3.18 -8.29
CA ARG C 32 19.04 -3.19 -9.64
C ARG C 32 18.75 -1.78 -10.19
N LEU C 33 18.36 -0.82 -9.31
CA LEU C 33 18.12 0.56 -9.75
C LEU C 33 19.45 1.24 -10.11
N ASP C 34 20.50 1.04 -9.28
CA ASP C 34 21.81 1.61 -9.56
C ASP C 34 22.43 1.00 -10.83
N GLN C 35 22.15 -0.29 -11.09
CA GLN C 35 22.57 -1.05 -12.28
C GLN C 35 21.91 -0.41 -13.52
N LEU C 36 20.62 -0.08 -13.41
CA LEU C 36 19.86 0.56 -14.49
C LEU C 36 20.40 1.96 -14.82
N LEU C 37 20.57 2.83 -13.78
CA LEU C 37 21.05 4.21 -13.94
C LEU C 37 22.50 4.35 -14.40
N ASP C 38 23.35 3.34 -14.13
CA ASP C 38 24.75 3.41 -14.53
C ASP C 38 24.98 2.99 -15.99
N MET C 39 23.95 2.38 -16.63
CA MET C 39 23.97 1.97 -18.05
C MET C 39 24.00 3.23 -18.92
N PRO C 40 24.57 3.18 -20.14
CA PRO C 40 24.49 4.34 -21.04
C PRO C 40 23.00 4.61 -21.33
N ALA C 41 22.55 5.87 -21.16
CA ALA C 41 21.13 6.20 -21.36
C ALA C 41 20.68 5.79 -22.76
N ALA C 42 19.45 5.25 -22.86
CA ALA C 42 18.84 4.82 -24.13
C ALA C 42 18.86 5.93 -25.17
N GLY C 43 19.11 5.54 -26.42
CA GLY C 43 19.17 6.44 -27.56
C GLY C 43 17.82 6.99 -27.95
N LEU C 44 17.84 7.93 -28.91
CA LEU C 44 16.61 8.59 -29.32
C LEU C 44 15.54 7.65 -29.91
N ALA C 45 15.91 6.58 -30.64
CA ALA C 45 14.89 5.66 -31.18
C ALA C 45 14.14 4.97 -30.04
N VAL C 46 14.87 4.58 -28.98
CA VAL C 46 14.25 3.92 -27.83
C VAL C 46 13.38 4.96 -27.11
N GLN C 47 13.89 6.18 -26.92
CA GLN C 47 13.09 7.24 -26.28
C GLN C 47 11.76 7.48 -27.02
N LEU C 48 11.82 7.49 -28.36
CA LEU C 48 10.64 7.69 -29.20
C LEU C 48 9.63 6.55 -29.05
N ARG C 49 10.11 5.29 -28.97
CA ARG C 49 9.20 4.16 -28.79
C ARG C 49 8.46 4.27 -27.47
N HIS C 50 9.10 4.85 -26.45
CA HIS C 50 8.51 4.97 -25.12
C HIS C 50 7.87 6.33 -24.80
N ALA C 51 7.87 7.23 -25.80
CA ALA C 51 7.34 8.57 -25.60
C ALA C 51 5.83 8.63 -25.50
N TRP C 52 5.32 9.85 -25.26
CA TRP C 52 3.90 10.07 -25.21
C TRP C 52 3.27 9.53 -26.45
N ASN C 53 2.08 8.94 -26.28
CA ASN C 53 1.32 8.36 -27.40
C ASN C 53 0.33 9.35 -28.00
N PRO C 54 0.51 9.78 -29.28
CA PRO C 54 -0.49 10.67 -29.90
C PRO C 54 -1.87 10.01 -30.02
N GLU C 55 -1.92 8.67 -29.95
CA GLU C 55 -3.19 7.94 -30.06
C GLU C 55 -3.84 7.62 -28.72
N ASP C 56 -3.27 8.10 -27.59
CA ASP C 56 -3.82 7.74 -26.30
C ASP C 56 -3.69 8.92 -25.37
N ARG C 57 -4.54 9.92 -25.63
CA ARG C 57 -4.45 11.20 -24.97
C ARG C 57 -5.80 11.85 -24.84
N SER C 58 -5.89 12.84 -23.95
CA SER C 58 -7.05 13.70 -23.92
C SER C 58 -7.01 14.44 -25.29
N LEU C 59 -8.16 14.84 -25.78
CA LEU C 59 -8.28 15.61 -27.02
C LEU C 59 -7.70 17.05 -26.84
N ASN C 60 -7.48 17.48 -25.58
CA ASN C 60 -6.97 18.80 -25.29
C ASN C 60 -5.47 18.89 -25.21
N VAL C 61 -4.76 17.79 -25.52
CA VAL C 61 -3.30 17.81 -25.58
C VAL C 61 -2.86 17.31 -26.94
N PHE C 62 -1.66 17.67 -27.38
CA PHE C 62 -1.09 17.12 -28.60
C PHE C 62 0.38 16.89 -28.38
N VAL C 63 0.92 15.92 -29.08
CA VAL C 63 2.35 15.65 -29.00
C VAL C 63 3.03 16.53 -30.05
N LYS C 64 4.03 17.31 -29.64
CA LYS C 64 4.75 18.22 -30.54
C LYS C 64 5.45 17.46 -31.68
N ASP C 65 5.46 18.04 -32.89
CA ASP C 65 6.14 17.33 -33.97
C ASP C 65 7.64 17.60 -33.96
N ASP C 66 8.08 18.80 -33.54
CA ASP C 66 9.50 19.12 -33.53
C ASP C 66 10.21 18.42 -32.37
N ASP C 67 9.51 18.18 -31.27
CA ASP C 67 10.07 17.44 -30.14
C ASP C 67 8.99 16.45 -29.70
N ARG C 68 9.01 15.26 -30.28
CA ARG C 68 8.01 14.21 -30.06
C ARG C 68 8.10 13.60 -28.66
N LEU C 69 9.03 14.09 -27.82
CA LEU C 69 9.07 13.62 -26.42
C LEU C 69 8.25 14.54 -25.52
N THR C 70 7.68 15.59 -26.12
CA THR C 70 6.96 16.58 -25.33
C THR C 70 5.54 16.80 -25.84
N PHE C 71 4.57 16.92 -24.91
CA PHE C 71 3.23 17.29 -25.34
C PHE C 71 2.96 18.71 -24.93
N HIS C 72 1.94 19.31 -25.52
CA HIS C 72 1.51 20.66 -25.25
C HIS C 72 0.01 20.60 -24.90
N ARG C 73 -0.40 21.24 -23.80
CA ARG C 73 -1.83 21.28 -23.46
C ARG C 73 -2.50 22.53 -23.98
N HIS C 74 -3.58 22.39 -24.77
CA HIS C 74 -4.37 23.53 -25.25
C HIS C 74 -4.96 24.25 -24.02
N PRO C 75 -5.12 25.58 -24.10
CA PRO C 75 -5.58 26.35 -22.92
C PRO C 75 -7.09 26.28 -22.66
N VAL C 76 -7.57 25.05 -22.42
CA VAL C 76 -9.00 24.79 -22.22
C VAL C 76 -9.40 25.04 -20.78
N ALA C 77 -10.40 25.90 -20.55
CA ALA C 77 -10.86 26.20 -19.18
C ALA C 77 -11.56 25.01 -18.53
N GLN C 78 -11.42 24.86 -17.22
CA GLN C 78 -12.14 23.88 -16.44
C GLN C 78 -12.02 22.47 -17.00
N SER C 79 -10.78 22.07 -17.23
CA SER C 79 -10.48 20.79 -17.83
C SER C 79 -9.16 20.27 -17.25
N THR C 80 -9.10 18.96 -16.97
CA THR C 80 -7.87 18.28 -16.53
C THR C 80 -7.60 17.22 -17.57
N ASP C 81 -6.35 17.18 -18.05
CA ASP C 81 -6.03 16.40 -19.24
C ASP C 81 -4.79 15.59 -19.07
N GLY C 82 -4.90 14.33 -19.44
CA GLY C 82 -3.78 13.41 -19.35
C GLY C 82 -3.42 12.76 -20.66
N ILE C 83 -2.32 12.01 -20.62
CA ILE C 83 -1.81 11.29 -21.77
C ILE C 83 -0.95 10.18 -21.24
N ARG C 84 -0.99 9.03 -21.94
CA ARG C 84 -0.19 7.89 -21.61
C ARG C 84 0.98 7.72 -22.56
N GLY C 85 2.02 7.11 -22.03
CA GLY C 85 3.17 6.70 -22.85
C GLY C 85 2.72 5.61 -23.81
N LYS C 86 3.51 5.39 -24.84
CA LYS C 86 3.22 4.34 -25.83
C LYS C 86 3.32 2.92 -25.25
N VAL C 87 4.22 2.72 -24.27
CA VAL C 87 4.50 1.39 -23.74
C VAL C 87 3.84 1.16 -22.38
N GLY C 88 3.08 0.06 -22.31
CA GLY C 88 2.46 -0.42 -21.07
C GLY C 88 3.33 -1.56 -20.58
N HIS C 89 3.94 -1.37 -19.39
CA HIS C 89 4.90 -2.32 -18.80
C HIS C 89 4.18 -3.43 -17.99
N ALA C 90 4.45 -4.72 -18.29
CA ALA C 90 3.84 -5.84 -17.57
C ALA C 90 4.89 -6.54 -16.72
N ARG C 91 6.18 -6.25 -17.00
CA ARG C 91 7.33 -6.85 -16.31
C ARG C 91 8.58 -5.95 -16.39
N GLY C 92 9.57 -6.24 -15.55
CA GLY C 92 10.86 -5.54 -15.55
C GLY C 92 10.92 -4.26 -14.74
N LEU C 93 12.14 -3.72 -14.59
CA LEU C 93 12.39 -2.45 -13.88
C LEU C 93 12.57 -1.40 -14.98
N HIS C 94 11.93 -0.24 -14.82
CA HIS C 94 11.96 0.84 -15.82
C HIS C 94 12.12 2.19 -15.17
N ALA C 95 12.78 3.13 -15.87
CA ALA C 95 12.92 4.52 -15.41
C ALA C 95 12.78 5.48 -16.57
N TRP C 96 12.11 6.59 -16.30
CA TRP C 96 11.97 7.66 -17.27
C TRP C 96 12.07 9.01 -16.58
N GLN C 97 12.57 10.00 -17.30
CA GLN C 97 12.69 11.36 -16.80
C GLN C 97 11.46 12.15 -17.24
N ILE C 98 10.89 12.94 -16.32
CA ILE C 98 9.82 13.88 -16.61
C ILE C 98 10.42 15.28 -16.41
N ASN C 99 10.27 16.16 -17.41
CA ASN C 99 10.68 17.54 -17.26
C ASN C 99 9.39 18.32 -17.36
N TRP C 100 9.03 19.02 -16.29
CA TRP C 100 7.80 19.78 -16.22
C TRP C 100 8.13 21.15 -15.63
N PRO C 101 8.29 22.19 -16.48
CA PRO C 101 8.65 23.52 -15.94
C PRO C 101 7.73 23.92 -14.81
N ALA C 102 8.34 24.29 -13.65
CA ALA C 102 7.60 24.60 -12.42
C ALA C 102 6.47 25.61 -12.59
N ARG C 103 6.70 26.66 -13.40
CA ARG C 103 5.71 27.71 -13.64
C ARG C 103 4.62 27.28 -14.60
N GLN C 104 4.66 26.00 -15.07
CA GLN C 104 3.63 25.45 -15.97
C GLN C 104 2.86 24.32 -15.30
N ARG C 105 2.80 24.32 -13.97
CA ARG C 105 2.14 23.27 -13.21
C ARG C 105 0.71 23.65 -12.78
N GLY C 106 0.49 24.90 -12.41
CA GLY C 106 -0.86 25.29 -12.00
C GLY C 106 -1.32 24.62 -10.73
N THR C 107 -2.63 24.44 -10.58
CA THR C 107 -3.19 23.90 -9.37
C THR C 107 -2.99 22.39 -9.23
N HIS C 108 -2.88 21.66 -10.36
CA HIS C 108 -2.84 20.21 -10.33
C HIS C 108 -1.91 19.65 -11.38
N ALA C 109 -0.69 19.32 -10.96
CA ALA C 109 0.32 18.67 -11.81
C ALA C 109 0.58 17.32 -11.15
N VAL C 110 0.18 16.22 -11.82
CA VAL C 110 0.31 14.87 -11.22
C VAL C 110 1.10 13.98 -12.15
N VAL C 111 2.09 13.26 -11.56
CA VAL C 111 2.98 12.39 -12.34
C VAL C 111 2.82 10.95 -11.78
N GLY C 112 2.74 9.96 -12.65
CA GLY C 112 2.73 8.58 -12.12
C GLY C 112 2.56 7.55 -13.20
N VAL C 113 1.73 6.51 -12.91
CA VAL C 113 1.44 5.42 -13.84
C VAL C 113 -0.06 5.15 -13.85
N ALA C 114 -0.54 4.48 -14.90
CA ALA C 114 -1.94 4.17 -15.08
C ALA C 114 -2.16 2.91 -15.87
N THR C 115 -3.32 2.30 -15.64
CA THR C 115 -3.74 1.21 -16.48
C THR C 115 -4.31 1.86 -17.76
N ALA C 116 -4.60 1.04 -18.78
CA ALA C 116 -5.22 1.53 -20.00
C ALA C 116 -6.66 2.02 -19.78
N ARG C 117 -7.27 1.68 -18.63
CA ARG C 117 -8.66 2.05 -18.35
C ARG C 117 -8.78 3.40 -17.67
N ALA C 118 -7.65 3.92 -17.15
CA ALA C 118 -7.66 5.21 -16.44
C ALA C 118 -8.18 6.34 -17.34
N PRO C 119 -9.14 7.16 -16.87
CA PRO C 119 -9.63 8.27 -17.69
C PRO C 119 -8.55 9.32 -17.89
N LEU C 120 -8.50 9.89 -19.08
CA LEU C 120 -7.49 10.89 -19.42
C LEU C 120 -8.08 12.30 -19.49
N HIS C 121 -9.32 12.46 -19.00
CA HIS C 121 -9.91 13.80 -18.97
C HIS C 121 -10.89 13.87 -17.84
N SER C 122 -10.96 15.05 -17.18
CA SER C 122 -12.01 15.32 -16.23
C SER C 122 -12.51 16.71 -16.48
N VAL C 123 -13.77 16.95 -16.16
CA VAL C 123 -14.36 18.27 -16.09
C VAL C 123 -13.71 18.90 -14.83
N GLY C 124 -13.49 20.21 -14.88
CA GLY C 124 -12.88 20.93 -13.76
C GLY C 124 -11.40 20.64 -13.58
N TYR C 125 -10.80 21.24 -12.55
CA TYR C 125 -9.38 21.14 -12.21
C TYR C 125 -9.24 20.15 -11.07
N THR C 126 -8.65 18.96 -11.40
CA THR C 126 -8.54 17.85 -10.43
C THR C 126 -7.18 17.17 -10.53
N ALA C 127 -6.83 16.40 -9.49
CA ALA C 127 -5.66 15.54 -9.49
C ALA C 127 -6.16 14.24 -10.14
N LEU C 128 -6.31 14.28 -11.48
CA LEU C 128 -6.95 13.20 -12.20
C LEU C 128 -6.18 11.88 -12.05
N VAL C 129 -4.84 11.91 -12.19
CA VAL C 129 -4.05 10.70 -11.99
C VAL C 129 -4.05 10.44 -10.47
N GLY C 130 -4.43 9.21 -10.11
CA GLY C 130 -4.50 8.81 -8.70
C GLY C 130 -5.88 8.98 -8.11
N SER C 131 -6.86 9.49 -8.90
CA SER C 131 -8.21 9.76 -8.41
C SER C 131 -9.07 8.52 -8.25
N ASP C 132 -8.70 7.43 -8.90
CA ASP C 132 -9.44 6.18 -8.80
C ASP C 132 -8.48 5.00 -8.75
N ALA C 133 -9.01 3.78 -8.87
CA ALA C 133 -8.20 2.56 -8.74
C ALA C 133 -7.34 2.26 -9.95
N GLU C 134 -7.51 3.02 -11.04
CA GLU C 134 -6.80 2.77 -12.29
C GLU C 134 -5.50 3.55 -12.46
N SER C 135 -5.14 4.40 -11.49
CA SER C 135 -3.90 5.17 -11.58
C SER C 135 -3.30 5.49 -10.23
N TRP C 136 -2.01 5.79 -10.22
CA TRP C 136 -1.16 6.06 -9.05
C TRP C 136 -0.39 7.32 -9.38
N GLY C 137 -0.55 8.36 -8.57
CA GLY C 137 0.06 9.64 -8.85
C GLY C 137 0.65 10.39 -7.69
N TRP C 138 1.65 11.22 -8.02
CA TRP C 138 2.29 12.14 -7.10
C TRP C 138 1.88 13.53 -7.57
N ASP C 139 1.10 14.20 -6.72
CA ASP C 139 0.67 15.57 -6.96
C ASP C 139 1.87 16.44 -6.59
N LEU C 140 2.51 17.05 -7.60
CA LEU C 140 3.73 17.82 -7.37
C LEU C 140 3.54 19.09 -6.58
N GLY C 141 2.35 19.69 -6.67
CA GLY C 141 2.08 20.91 -5.95
C GLY C 141 1.89 20.67 -4.45
N ARG C 142 1.28 19.53 -4.09
CA ARG C 142 1.03 19.22 -2.69
C ARG C 142 2.11 18.32 -2.13
N SER C 143 2.94 17.68 -3.00
CA SER C 143 3.96 16.69 -2.58
C SER C 143 3.21 15.59 -1.81
N ARG C 144 2.11 15.10 -2.41
CA ARG C 144 1.28 14.05 -1.80
C ARG C 144 0.96 12.99 -2.84
N LEU C 145 0.89 11.73 -2.37
CA LEU C 145 0.58 10.58 -3.22
C LEU C 145 -0.87 10.25 -3.15
N TYR C 146 -1.45 9.87 -4.31
CA TYR C 146 -2.84 9.46 -4.43
C TYR C 146 -3.01 8.21 -5.25
N HIS C 147 -3.84 7.30 -4.75
CA HIS C 147 -4.31 6.11 -5.44
C HIS C 147 -5.69 5.88 -4.91
N ASP C 148 -6.69 5.76 -5.80
CA ASP C 148 -8.11 5.67 -5.43
C ASP C 148 -8.37 6.86 -4.47
N GLY C 149 -7.85 8.02 -4.88
CA GLY C 149 -7.87 9.23 -4.07
C GLY C 149 -9.24 9.80 -3.78
N LYS C 150 -10.30 9.37 -4.51
CA LYS C 150 -11.64 9.85 -4.16
C LYS C 150 -12.11 9.13 -2.87
N ASN C 151 -11.54 7.95 -2.59
CA ASN C 151 -11.89 7.13 -1.43
C ASN C 151 -10.80 7.07 -0.35
N GLN C 152 -9.52 7.24 -0.77
CA GLN C 152 -8.42 7.12 0.20
C GLN C 152 -7.65 8.41 0.29
N PRO C 153 -7.39 8.91 1.50
CA PRO C 153 -6.60 10.14 1.64
C PRO C 153 -5.19 10.04 1.08
N GLY C 154 -4.61 11.19 0.81
CA GLY C 154 -3.24 11.22 0.34
C GLY C 154 -2.23 11.07 1.46
N VAL C 155 -0.96 10.88 1.05
CA VAL C 155 0.10 10.82 2.04
CA VAL C 155 0.19 10.68 1.93
C VAL C 155 1.27 11.65 1.55
N ALA C 156 1.88 12.36 2.50
CA ALA C 156 3.03 13.22 2.19
C ALA C 156 4.16 12.34 1.67
N TYR C 157 4.80 12.81 0.62
CA TYR C 157 5.93 12.13 0.03
C TYR C 157 6.82 13.21 -0.59
N PRO C 158 8.14 13.26 -0.28
CA PRO C 158 8.90 12.36 0.64
C PRO C 158 8.42 12.46 2.09
N ALA C 159 8.62 11.37 2.84
CA ALA C 159 8.21 11.20 4.24
C ALA C 159 8.73 12.31 5.17
N LEU C 169 9.37 21.37 -5.57
CA LEU C 169 10.02 20.39 -6.43
C LEU C 169 10.66 21.02 -7.68
N PRO C 170 11.88 20.58 -8.07
CA PRO C 170 12.50 21.13 -9.29
C PRO C 170 11.79 20.68 -10.57
N ASP C 171 12.22 21.23 -11.73
CA ASP C 171 11.64 20.94 -13.05
C ASP C 171 11.66 19.49 -13.44
N SER C 172 12.76 18.81 -13.15
CA SER C 172 12.96 17.42 -13.54
C SER C 172 12.82 16.45 -12.38
N LEU C 173 12.30 15.26 -12.68
CA LEU C 173 12.17 14.14 -11.75
C LEU C 173 12.27 12.82 -12.49
N LEU C 174 12.73 11.78 -11.80
CA LEU C 174 12.79 10.44 -12.36
C LEU C 174 11.67 9.58 -11.79
N VAL C 175 11.02 8.81 -12.64
CA VAL C 175 9.95 7.90 -12.26
C VAL C 175 10.53 6.49 -12.45
N VAL C 176 10.40 5.63 -11.40
CA VAL C 176 10.94 4.28 -11.38
C VAL C 176 9.81 3.28 -11.16
N LEU C 177 9.51 2.47 -12.18
CA LEU C 177 8.45 1.47 -12.11
C LEU C 177 9.05 0.08 -12.09
N ASP C 178 8.87 -0.65 -10.99
CA ASP C 178 9.33 -2.02 -10.87
C ASP C 178 8.13 -2.94 -11.00
N MET C 179 7.92 -3.54 -12.19
CA MET C 179 6.76 -4.41 -12.42
C MET C 179 6.90 -5.83 -11.84
N ASP C 180 8.12 -6.21 -11.49
CA ASP C 180 8.39 -7.54 -10.93
C ASP C 180 8.00 -7.59 -9.46
N GLU C 181 8.37 -6.54 -8.72
CA GLU C 181 8.02 -6.36 -7.30
C GLU C 181 6.64 -5.66 -7.17
N GLY C 182 6.23 -4.92 -8.21
CA GLY C 182 4.97 -4.19 -8.24
C GLY C 182 5.01 -2.87 -7.48
N THR C 183 6.09 -2.08 -7.70
CA THR C 183 6.28 -0.79 -7.02
C THR C 183 6.53 0.40 -7.96
N LEU C 184 6.29 1.59 -7.41
CA LEU C 184 6.55 2.85 -8.06
C LEU C 184 7.31 3.73 -7.08
N SER C 185 8.41 4.32 -7.53
N SER C 185 8.43 4.29 -7.53
CA SER C 185 9.28 5.18 -6.72
CA SER C 185 9.31 5.16 -6.74
C SER C 185 9.72 6.38 -7.55
C SER C 185 9.82 6.33 -7.57
N PHE C 186 10.38 7.37 -6.91
CA PHE C 186 10.86 8.57 -7.56
C PHE C 186 12.21 9.00 -7.10
N ILE C 187 12.92 9.69 -8.01
CA ILE C 187 14.21 10.26 -7.76
C ILE C 187 14.12 11.75 -8.07
N VAL C 188 14.54 12.57 -7.12
CA VAL C 188 14.57 14.02 -7.31
C VAL C 188 15.97 14.51 -6.95
N ASP C 189 16.62 15.25 -7.89
CA ASP C 189 17.98 15.79 -7.72
CA ASP C 189 17.99 15.78 -7.78
C ASP C 189 18.98 14.69 -7.30
N GLY C 190 18.86 13.51 -7.88
CA GLY C 190 19.72 12.37 -7.58
C GLY C 190 19.47 11.66 -6.26
N GLN C 191 18.41 12.08 -5.54
CA GLN C 191 18.05 11.48 -4.27
C GLN C 191 16.85 10.55 -4.46
N TYR C 192 17.03 9.26 -4.12
CA TYR C 192 15.99 8.23 -4.15
C TYR C 192 15.04 8.55 -3.01
N LEU C 193 13.77 8.77 -3.34
CA LEU C 193 12.80 9.18 -2.32
C LEU C 193 12.02 8.02 -1.70
N GLY C 194 12.41 6.79 -2.03
CA GLY C 194 11.78 5.59 -1.50
C GLY C 194 10.58 5.14 -2.30
N VAL C 195 10.02 3.99 -1.90
CA VAL C 195 8.83 3.42 -2.51
C VAL C 195 7.64 4.32 -2.20
N ALA C 196 6.88 4.65 -3.26
CA ALA C 196 5.68 5.47 -3.17
C ALA C 196 4.44 4.60 -3.16
N PHE C 197 4.34 3.63 -4.07
CA PHE C 197 3.20 2.73 -4.14
C PHE C 197 3.69 1.31 -4.31
N ARG C 198 2.89 0.35 -3.79
CA ARG C 198 3.10 -1.07 -3.98
C ARG C 198 1.79 -1.64 -4.53
N GLY C 199 1.73 -2.96 -4.75
CA GLY C 199 0.53 -3.63 -5.24
C GLY C 199 0.35 -3.60 -6.75
N LEU C 200 1.41 -3.31 -7.51
CA LEU C 200 1.27 -3.16 -8.97
C LEU C 200 1.54 -4.42 -9.78
N LYS C 201 1.97 -5.50 -9.16
CA LYS C 201 2.29 -6.73 -9.91
CA LYS C 201 2.29 -6.74 -9.90
C LYS C 201 1.07 -7.29 -10.65
N GLY C 202 1.31 -7.86 -11.84
CA GLY C 202 0.28 -8.47 -12.66
C GLY C 202 -0.54 -7.54 -13.53
N LYS C 203 -0.25 -6.23 -13.47
CA LYS C 203 -0.93 -5.23 -14.30
C LYS C 203 -0.11 -4.87 -15.54
N LYS C 204 -0.65 -3.99 -16.38
CA LYS C 204 0.02 -3.51 -17.58
C LYS C 204 -0.10 -2.00 -17.40
N LEU C 205 1.01 -1.36 -16.93
CA LEU C 205 1.04 0.05 -16.53
C LEU C 205 1.85 0.98 -17.40
N TYR C 206 1.23 2.11 -17.75
CA TYR C 206 1.80 3.08 -18.67
C TYR C 206 2.23 4.31 -17.93
N PRO C 207 3.32 4.99 -18.38
CA PRO C 207 3.63 6.31 -17.81
C PRO C 207 2.44 7.23 -18.06
N VAL C 208 2.15 8.14 -17.09
CA VAL C 208 1.02 9.05 -17.27
C VAL C 208 1.29 10.32 -16.53
N VAL C 209 0.63 11.41 -16.97
CA VAL C 209 0.57 12.64 -16.20
C VAL C 209 -0.83 13.19 -16.39
N SER C 210 -1.23 14.11 -15.48
CA SER C 210 -2.44 14.92 -15.68
C SER C 210 -2.09 16.35 -15.41
N ALA C 211 -2.57 17.21 -16.28
CA ALA C 211 -2.23 18.62 -16.28
C ALA C 211 -3.45 19.51 -16.43
N VAL C 212 -3.33 20.76 -15.95
CA VAL C 212 -4.40 21.77 -16.01
C VAL C 212 -3.93 23.10 -16.57
N TRP C 213 -2.63 23.29 -16.82
CA TRP C 213 -2.12 24.60 -17.17
C TRP C 213 -2.17 24.86 -18.64
N GLY C 214 -2.74 26.01 -19.01
CA GLY C 214 -2.79 26.41 -20.40
C GLY C 214 -1.41 26.52 -21.04
N HIS C 215 -1.18 25.79 -22.14
CA HIS C 215 0.10 25.80 -22.86
C HIS C 215 1.25 25.13 -22.12
N CYS C 216 0.98 24.31 -21.09
CA CYS C 216 2.11 23.61 -20.48
C CYS C 216 2.71 22.61 -21.47
N GLU C 217 4.00 22.36 -21.31
CA GLU C 217 4.72 21.42 -22.15
C GLU C 217 5.51 20.52 -21.21
N VAL C 218 5.21 19.20 -21.26
CA VAL C 218 5.84 18.23 -20.35
C VAL C 218 6.60 17.22 -21.21
N THR C 219 7.86 17.01 -20.90
CA THR C 219 8.76 16.12 -21.65
C THR C 219 8.91 14.80 -20.90
N MET C 220 8.92 13.67 -21.61
CA MET C 220 9.21 12.37 -20.98
C MET C 220 10.30 11.68 -21.79
N ARG C 221 11.45 11.42 -21.16
CA ARG C 221 12.58 10.78 -21.78
C ARG C 221 12.86 9.46 -21.08
N TYR C 222 12.49 8.35 -21.73
CA TYR C 222 12.77 7.04 -21.16
C TYR C 222 14.26 6.87 -21.01
N ILE C 223 14.72 6.43 -19.82
CA ILE C 223 16.14 6.24 -19.54
C ILE C 223 16.61 4.84 -19.94
N ASN C 224 15.97 3.80 -19.36
CA ASN C 224 16.32 2.38 -19.59
C ASN C 224 15.37 1.44 -18.87
N GLY C 225 15.42 0.18 -19.27
CA GLY C 225 14.68 -0.93 -18.68
C GLY C 225 15.63 -2.08 -18.36
N LEU C 226 15.24 -2.94 -17.41
CA LEU C 226 16.07 -4.06 -16.99
C LEU C 226 15.15 -5.21 -16.63
N ASP C 227 15.26 -6.31 -17.38
CA ASP C 227 14.45 -7.52 -17.19
C ASP C 227 14.69 -8.16 -15.82
N PRO C 228 13.71 -8.92 -15.26
CA PRO C 228 13.98 -9.61 -13.97
C PRO C 228 15.01 -10.73 -14.15
N GLU C 229 15.76 -11.05 -13.07
CA GLU C 229 16.76 -12.13 -13.08
C GLU C 229 16.07 -13.49 -13.04
N TRP D 1 -7.67 33.67 -19.07
CA TRP D 1 -6.73 34.14 -18.05
C TRP D 1 -7.19 33.74 -16.64
N ASP D 2 -7.72 32.50 -16.51
CA ASP D 2 -8.06 32.02 -15.18
C ASP D 2 -6.75 31.62 -14.42
N ILE D 3 -6.90 31.08 -13.21
CA ILE D 3 -5.77 30.76 -12.36
C ILE D 3 -4.81 29.77 -13.02
N ASN D 4 -5.32 28.97 -13.97
CA ASN D 4 -4.54 27.92 -14.63
C ASN D 4 -4.16 28.30 -16.04
N ASN D 5 -4.16 29.61 -16.35
CA ASN D 5 -3.75 30.09 -17.67
C ASN D 5 -4.67 29.63 -18.81
N ASN D 6 -5.95 29.40 -18.52
CA ASN D 6 -6.96 29.00 -19.49
C ASN D 6 -7.99 30.11 -19.58
N BAL D 7 -8.29 30.60 -20.85
CB BAL D 7 -9.10 31.87 -21.02
CA BAL D 7 -8.25 33.06 -21.37
C BAL D 7 -7.18 33.34 -20.35
O BAL D 7 -5.98 33.16 -20.61
CL CL E . 0.79 -19.44 1.96
CL CL F . -9.07 16.58 -7.05
#